data_8J1N
#
_entry.id   8J1N
#
_cell.length_a   1.00
_cell.length_b   1.00
_cell.length_c   1.00
_cell.angle_alpha   90.00
_cell.angle_beta   90.00
_cell.angle_gamma   90.00
#
_symmetry.space_group_name_H-M   'P 1'
#
loop_
_entity.id
_entity.type
_entity.pdbx_description
1 polymer 'Mitochondrial brown fat uncoupling protein 1'
2 polymer 'Sybody 12F2'
3 non-polymer 2,4-DINITROPHENOL
4 non-polymer CARDIOLIPIN
5 non-polymer 1,2-DIACYL-SN-GLYCERO-3-PHOSPHOCHOLINE
#
loop_
_entity_poly.entity_id
_entity_poly.type
_entity_poly.pdbx_seq_one_letter_code
_entity_poly.pdbx_strand_id
1 'polypeptide(L)'
;MSRLEEELRRRLTEGSGGWSHPQFEKGSGDYKDDDDKGSGWSHPQFEKLEVLFQGPMGGLTASDVHPTLGVQLFSAGIAA
CLADVITFPLDTAKVRLQVQGECPTSSVIRYKGVLGTITAVVKTEGRMKLYSGLPAGLQRQISSASLRIGLYDTVQEFLT
AGKETAPSLGSKILAGLTTGGVAVFIGQPTEVVKVRLQAQSHLHGIKPRYTGTYNAYRIIATTEGLTGLWKGTTPNLMRS
VIINCTELVTYDLMKEAFVKNNILADDVPCHLVSALIAGFCATAMSSPVDVVKTRFINSPPGQYKSVPNCAMKVFTNEGP
TAFFKGLVPSFLRLGSWNVIMFVCFEQLKRELSKSRQTMDCAT
;
A
2 'polypeptide(L)'
;MGQVQLVESGGGLVQAGGSLRLSCAASGFPVMYYNMHWYRQAPGKEREWVAAIESTGWWAHYADSVKGRFTISRDNAKNT
VYLQMNSLKPEDTAVYYCNVKDFGWRWEAYDYWGQGTQVTVSSLEHHHHHH
;
B
#
# COMPACT_ATOMS: atom_id res chain seq x y z
N HIS A 66 -15.12 -6.75 38.98
CA HIS A 66 -14.24 -5.72 38.45
C HIS A 66 -12.82 -6.26 38.34
N PRO A 67 -12.42 -6.68 37.14
CA PRO A 67 -11.16 -7.39 36.99
C PRO A 67 -9.96 -6.52 37.34
N THR A 68 -8.90 -7.19 37.81
CA THR A 68 -7.65 -6.54 38.11
C THR A 68 -6.88 -6.21 36.83
N LEU A 69 -5.82 -5.42 36.99
CA LEU A 69 -5.05 -4.96 35.84
C LEU A 69 -4.40 -6.12 35.10
N GLY A 70 -3.92 -7.12 35.83
CA GLY A 70 -3.27 -8.25 35.19
C GLY A 70 -4.22 -9.06 34.33
N VAL A 71 -5.43 -9.30 34.83
CA VAL A 71 -6.46 -9.97 34.05
C VAL A 71 -6.77 -9.17 32.79
N GLN A 72 -6.90 -7.86 32.92
CA GLN A 72 -7.18 -7.04 31.75
C GLN A 72 -6.07 -7.17 30.72
N LEU A 73 -4.82 -7.06 31.16
CA LEU A 73 -3.69 -7.15 30.24
C LEU A 73 -3.68 -8.48 29.51
N PHE A 74 -3.82 -9.57 30.26
CA PHE A 74 -3.72 -10.89 29.66
C PHE A 74 -4.90 -11.17 28.73
N SER A 75 -6.11 -10.79 29.15
CA SER A 75 -7.28 -11.00 28.31
C SER A 75 -7.21 -10.18 27.03
N ALA A 76 -6.76 -8.92 27.13
CA ALA A 76 -6.59 -8.11 25.93
C ALA A 76 -5.56 -8.72 25.00
N GLY A 77 -4.45 -9.20 25.55
CA GLY A 77 -3.45 -9.84 24.69
C GLY A 77 -4.00 -11.06 23.98
N ILE A 78 -4.65 -11.96 24.73
CA ILE A 78 -5.14 -13.19 24.12
C ILE A 78 -6.23 -12.90 23.09
N ALA A 79 -7.17 -12.01 23.43
CA ALA A 79 -8.25 -11.70 22.49
C ALA A 79 -7.71 -11.03 21.24
N ALA A 80 -6.81 -10.06 21.38
CA ALA A 80 -6.25 -9.39 20.22
C ALA A 80 -5.46 -10.36 19.35
N CYS A 81 -4.67 -11.24 19.97
CA CYS A 81 -3.91 -12.22 19.20
C CYS A 81 -4.83 -13.19 18.47
N LEU A 82 -5.92 -13.61 19.12
CA LEU A 82 -6.84 -14.54 18.50
C LEU A 82 -7.57 -13.89 17.33
N ALA A 83 -8.05 -12.67 17.52
CA ALA A 83 -8.67 -11.93 16.41
C ALA A 83 -7.66 -11.71 15.29
N ASP A 84 -6.40 -11.49 15.64
CA ASP A 84 -5.36 -11.28 14.64
C ASP A 84 -5.14 -12.53 13.81
N VAL A 85 -5.02 -13.69 14.45
CA VAL A 85 -4.82 -14.91 13.67
C VAL A 85 -6.05 -15.24 12.86
N ILE A 86 -7.25 -14.91 13.36
CA ILE A 86 -8.45 -15.24 12.61
C ILE A 86 -8.59 -14.36 11.37
N THR A 87 -8.32 -13.06 11.50
CA THR A 87 -8.57 -12.13 10.42
C THR A 87 -7.29 -11.74 9.66
N PHE A 88 -6.16 -12.38 9.96
CA PHE A 88 -4.92 -12.07 9.26
C PHE A 88 -5.00 -12.22 7.75
N PRO A 89 -5.63 -13.26 7.18
CA PRO A 89 -5.73 -13.32 5.72
C PRO A 89 -6.39 -12.11 5.11
N LEU A 90 -7.34 -11.47 5.79
CA LEU A 90 -7.92 -10.23 5.28
C LEU A 90 -6.88 -9.13 5.19
N ASP A 91 -6.00 -9.03 6.19
CA ASP A 91 -4.92 -8.04 6.15
C ASP A 91 -3.94 -8.35 5.03
N THR A 92 -3.62 -9.62 4.83
CA THR A 92 -2.73 -9.99 3.73
C THR A 92 -3.35 -9.65 2.39
N ALA A 93 -4.65 -9.93 2.23
CA ALA A 93 -5.36 -9.57 1.00
C ALA A 93 -5.34 -8.06 0.78
N LYS A 94 -5.54 -7.30 1.86
CA LYS A 94 -5.49 -5.84 1.75
C LYS A 94 -4.13 -5.37 1.30
N VAL A 95 -3.06 -5.93 1.87
CA VAL A 95 -1.71 -5.53 1.50
C VAL A 95 -1.42 -5.90 0.05
N ARG A 96 -1.86 -7.08 -0.37
CA ARG A 96 -1.66 -7.50 -1.76
C ARG A 96 -2.39 -6.57 -2.72
N LEU A 97 -3.62 -6.19 -2.39
CA LEU A 97 -4.37 -5.30 -3.25
C LEU A 97 -3.77 -3.90 -3.26
N GLN A 98 -3.15 -3.49 -2.16
CA GLN A 98 -2.58 -2.15 -2.07
C GLN A 98 -1.26 -2.04 -2.82
N VAL A 99 -0.41 -3.07 -2.76
CA VAL A 99 0.84 -2.99 -3.51
C VAL A 99 0.67 -3.40 -4.96
N GLN A 100 -0.49 -3.90 -5.34
CA GLN A 100 -0.75 -4.24 -6.73
C GLN A 100 -0.89 -2.97 -7.55
N GLY A 101 -0.22 -2.93 -8.70
CA GLY A 101 -0.17 -1.77 -9.55
C GLY A 101 1.04 -0.89 -9.36
N GLU A 102 1.75 -1.05 -8.24
CA GLU A 102 2.96 -0.27 -8.01
C GLU A 102 4.04 -0.62 -9.03
N CYS A 103 4.20 -1.91 -9.33
CA CYS A 103 5.17 -2.38 -10.28
C CYS A 103 4.46 -3.33 -11.24
N PRO A 104 4.61 -3.15 -12.55
CA PRO A 104 3.98 -4.08 -13.50
C PRO A 104 4.51 -5.49 -13.32
N THR A 105 3.63 -6.46 -13.53
CA THR A 105 3.96 -7.87 -13.39
C THR A 105 3.71 -8.58 -14.70
N SER A 106 4.59 -9.52 -15.03
CA SER A 106 4.44 -10.34 -16.22
C SER A 106 3.64 -11.61 -15.96
N SER A 107 3.13 -11.79 -14.74
CA SER A 107 2.29 -12.93 -14.42
C SER A 107 0.83 -12.61 -14.71
N VAL A 108 0.05 -13.66 -14.93
CA VAL A 108 -1.39 -13.51 -15.17
C VAL A 108 -2.16 -13.34 -13.87
N ILE A 109 -1.52 -13.59 -12.72
CA ILE A 109 -2.21 -13.55 -11.44
C ILE A 109 -2.55 -12.11 -11.10
N ARG A 110 -3.84 -11.83 -10.96
CA ARG A 110 -4.34 -10.50 -10.64
C ARG A 110 -5.31 -10.62 -9.49
N TYR A 111 -5.14 -9.77 -8.48
CA TYR A 111 -5.97 -9.83 -7.27
C TYR A 111 -7.15 -8.89 -7.41
N LYS A 112 -8.34 -9.42 -7.19
CA LYS A 112 -9.55 -8.61 -7.21
C LYS A 112 -10.53 -9.18 -6.21
N GLY A 113 -10.94 -8.36 -5.24
CA GLY A 113 -11.89 -8.80 -4.23
C GLY A 113 -11.22 -9.41 -3.03
N VAL A 114 -12.05 -9.84 -2.09
CA VAL A 114 -11.56 -10.51 -0.89
C VAL A 114 -11.35 -12.00 -1.17
N LEU A 115 -12.42 -12.69 -1.57
CA LEU A 115 -12.31 -14.10 -1.91
C LEU A 115 -11.38 -14.30 -3.09
N GLY A 116 -11.46 -13.41 -4.08
CA GLY A 116 -10.58 -13.53 -5.24
C GLY A 116 -9.11 -13.45 -4.85
N THR A 117 -8.76 -12.44 -4.06
CA THR A 117 -7.36 -12.28 -3.64
C THR A 117 -6.92 -13.44 -2.75
N ILE A 118 -7.77 -13.85 -1.81
CA ILE A 118 -7.39 -14.92 -0.90
C ILE A 118 -7.19 -16.23 -1.66
N THR A 119 -8.11 -16.55 -2.58
CA THR A 119 -7.98 -17.78 -3.34
C THR A 119 -6.81 -17.73 -4.31
N ALA A 120 -6.55 -16.56 -4.91
CA ALA A 120 -5.39 -16.44 -5.77
C ALA A 120 -4.11 -16.69 -5.00
N VAL A 121 -3.98 -16.08 -3.82
CA VAL A 121 -2.79 -16.28 -3.00
C VAL A 121 -2.68 -17.75 -2.57
N VAL A 122 -3.80 -18.36 -2.17
CA VAL A 122 -3.78 -19.74 -1.71
C VAL A 122 -3.39 -20.69 -2.82
N LYS A 123 -3.88 -20.45 -4.02
CA LYS A 123 -3.68 -21.41 -5.09
C LYS A 123 -2.38 -21.19 -5.85
N THR A 124 -1.80 -19.99 -5.76
CA THR A 124 -0.54 -19.72 -6.42
C THR A 124 0.66 -19.72 -5.48
N GLU A 125 0.43 -19.62 -4.17
CA GLU A 125 1.53 -19.56 -3.21
C GLU A 125 1.36 -20.46 -2.00
N GLY A 126 0.18 -21.02 -1.77
CA GLY A 126 -0.05 -21.87 -0.63
C GLY A 126 -0.88 -21.16 0.45
N ARG A 127 -1.53 -21.99 1.27
CA ARG A 127 -2.29 -21.45 2.39
C ARG A 127 -1.41 -20.77 3.41
N MET A 128 -0.17 -21.24 3.58
CA MET A 128 0.74 -20.64 4.54
C MET A 128 1.19 -19.24 4.15
N LYS A 129 0.97 -18.83 2.91
CA LYS A 129 1.33 -17.50 2.46
C LYS A 129 0.30 -16.45 2.88
N LEU A 130 -0.89 -16.86 3.31
CA LEU A 130 -1.84 -15.92 3.87
C LEU A 130 -1.36 -15.39 5.20
N TYR A 131 -0.71 -16.22 6.00
CA TYR A 131 -0.18 -15.83 7.30
C TYR A 131 1.30 -15.50 7.22
N SER A 132 1.69 -14.67 6.26
CA SER A 132 3.08 -14.27 6.11
C SER A 132 3.30 -13.02 6.96
N GLY A 133 4.20 -13.12 7.94
CA GLY A 133 4.34 -12.07 8.92
C GLY A 133 3.42 -12.18 10.11
N LEU A 134 2.77 -13.32 10.29
CA LEU A 134 1.91 -13.49 11.45
C LEU A 134 2.64 -13.33 12.78
N PRO A 135 3.87 -13.83 12.99
CA PRO A 135 4.55 -13.55 14.26
C PRO A 135 4.75 -12.07 14.52
N ALA A 136 5.05 -11.29 13.48
CA ALA A 136 5.13 -9.84 13.64
C ALA A 136 3.78 -9.25 14.05
N GLY A 137 2.71 -9.70 13.42
CA GLY A 137 1.39 -9.24 13.80
C GLY A 137 1.06 -9.57 15.23
N LEU A 138 1.44 -10.76 15.69
CA LEU A 138 1.16 -11.17 17.07
C LEU A 138 1.97 -10.36 18.07
N GLN A 139 3.24 -10.09 17.75
CA GLN A 139 4.03 -9.21 18.62
C GLN A 139 3.41 -7.83 18.72
N ARG A 140 2.99 -7.22 17.63
CA ARG A 140 2.30 -5.97 17.70
C ARG A 140 1.12 -6.12 18.58
N GLN A 141 0.28 -7.11 18.30
CA GLN A 141 -0.95 -7.23 19.07
C GLN A 141 -0.68 -7.25 20.55
N ILE A 142 0.37 -7.96 20.98
CA ILE A 142 0.71 -7.97 22.39
C ILE A 142 1.05 -6.56 22.87
N SER A 143 1.94 -5.89 22.15
CA SER A 143 2.37 -4.56 22.57
C SER A 143 1.19 -3.59 22.57
N SER A 144 0.41 -3.59 21.50
CA SER A 144 -0.70 -2.66 21.38
C SER A 144 -1.77 -2.94 22.42
N ALA A 145 -2.10 -4.20 22.69
CA ALA A 145 -3.15 -4.49 23.66
C ALA A 145 -2.73 -4.09 25.06
N SER A 146 -1.53 -4.51 25.48
CA SER A 146 -1.08 -4.14 26.82
C SER A 146 -0.97 -2.63 26.95
N LEU A 147 -0.42 -1.96 25.93
CA LEU A 147 -0.22 -0.52 26.01
C LEU A 147 -1.56 0.19 26.03
N ARG A 148 -2.54 -0.32 25.26
CA ARG A 148 -3.87 0.26 25.24
C ARG A 148 -4.49 0.21 26.63
N ILE A 149 -4.43 -0.94 27.28
CA ILE A 149 -5.02 -1.05 28.62
C ILE A 149 -4.33 -0.11 29.59
N GLY A 150 -3.00 -0.14 29.63
CA GLY A 150 -2.27 0.68 30.59
C GLY A 150 -2.49 2.17 30.39
N LEU A 151 -2.38 2.64 29.15
CA LEU A 151 -2.55 4.07 28.88
C LEU A 151 -4.01 4.48 28.94
N TYR A 152 -4.96 3.59 28.65
CA TYR A 152 -6.37 3.89 28.81
C TYR A 152 -6.60 4.23 30.27
N ASP A 153 -6.12 3.37 31.17
CA ASP A 153 -6.25 3.70 32.58
C ASP A 153 -5.59 5.05 32.87
N THR A 154 -4.27 5.12 32.71
CA THR A 154 -3.53 6.27 33.22
C THR A 154 -3.85 7.58 32.50
N VAL A 155 -4.54 7.56 31.37
CA VAL A 155 -4.85 8.76 30.63
C VAL A 155 -6.32 9.13 30.75
N GLN A 156 -7.23 8.17 30.54
CA GLN A 156 -8.64 8.49 30.64
C GLN A 156 -9.07 8.74 32.07
N GLU A 157 -8.56 7.97 33.04
CA GLU A 157 -8.85 8.29 34.43
C GLU A 157 -8.34 9.68 34.78
N PHE A 158 -7.15 10.03 34.27
CA PHE A 158 -6.60 11.36 34.50
C PHE A 158 -7.48 12.44 33.89
N LEU A 159 -7.95 12.23 32.67
CA LEU A 159 -8.82 13.19 32.01
C LEU A 159 -10.13 13.38 32.76
N THR A 160 -10.72 12.28 33.26
CA THR A 160 -11.98 12.40 33.98
C THR A 160 -11.79 13.02 35.35
N ALA A 161 -10.64 12.78 35.99
CA ALA A 161 -10.43 13.25 37.36
C ALA A 161 -9.81 14.64 37.43
N GLY A 162 -9.24 15.16 36.34
CA GLY A 162 -8.61 16.47 36.39
C GLY A 162 -9.59 17.60 36.63
N LYS A 163 -10.72 17.58 35.94
CA LYS A 163 -11.73 18.61 36.07
C LYS A 163 -13.07 18.10 36.56
N GLU A 164 -13.20 16.79 36.80
CA GLU A 164 -14.43 16.18 37.32
C GLU A 164 -15.62 16.44 36.39
N THR A 165 -15.51 15.92 35.17
CA THR A 165 -16.58 16.04 34.20
C THR A 165 -16.94 14.69 33.58
N ALA A 166 -17.80 14.69 32.57
CA ALA A 166 -18.25 13.48 31.91
C ALA A 166 -17.24 13.04 30.85
N PRO A 167 -17.25 11.74 30.50
CA PRO A 167 -16.36 11.28 29.43
C PRO A 167 -16.79 11.77 28.06
N SER A 168 -16.44 13.00 27.74
CA SER A 168 -16.91 13.65 26.53
C SER A 168 -16.33 12.96 25.29
N LEU A 169 -16.70 13.48 24.13
CA LEU A 169 -16.06 13.03 22.90
C LEU A 169 -14.60 13.49 22.86
N GLY A 170 -14.36 14.78 23.15
CA GLY A 170 -13.02 15.32 23.05
C GLY A 170 -12.01 14.57 23.91
N SER A 171 -12.42 14.16 25.11
CA SER A 171 -11.53 13.36 25.94
C SER A 171 -11.24 12.02 25.29
N LYS A 172 -12.23 11.44 24.60
CA LYS A 172 -11.99 10.17 23.92
C LYS A 172 -11.02 10.33 22.76
N ILE A 173 -11.15 11.40 21.96
CA ILE A 173 -10.10 11.68 20.97
C ILE A 173 -8.74 11.85 21.64
N LEU A 174 -8.68 12.62 22.72
CA LEU A 174 -7.38 12.90 23.31
C LEU A 174 -6.70 11.61 23.80
N ALA A 175 -7.44 10.81 24.56
CA ALA A 175 -6.89 9.56 25.07
C ALA A 175 -6.58 8.59 23.93
N GLY A 176 -7.47 8.50 22.93
CA GLY A 176 -7.24 7.58 21.83
C GLY A 176 -6.00 7.92 21.04
N LEU A 177 -5.81 9.20 20.70
CA LEU A 177 -4.58 9.60 20.02
C LEU A 177 -3.34 9.42 20.89
N THR A 178 -3.40 9.75 22.18
CA THR A 178 -2.23 9.53 23.02
C THR A 178 -1.82 8.06 23.02
N THR A 179 -2.77 7.18 23.32
CA THR A 179 -2.50 5.76 23.38
C THR A 179 -2.09 5.22 22.01
N GLY A 180 -2.79 5.63 20.95
CA GLY A 180 -2.47 5.14 19.62
C GLY A 180 -1.13 5.61 19.12
N GLY A 181 -0.74 6.83 19.45
CA GLY A 181 0.58 7.31 19.07
C GLY A 181 1.68 6.52 19.75
N VAL A 182 1.55 6.31 21.06
CA VAL A 182 2.56 5.52 21.76
C VAL A 182 2.59 4.10 21.22
N ALA A 183 1.41 3.52 20.94
CA ALA A 183 1.34 2.16 20.44
C ALA A 183 1.93 2.04 19.03
N VAL A 184 1.66 3.02 18.17
CA VAL A 184 2.23 3.02 16.83
C VAL A 184 3.75 3.09 16.90
N PHE A 185 4.27 3.99 17.74
CA PHE A 185 5.72 4.08 17.85
C PHE A 185 6.32 2.80 18.41
N ILE A 186 5.69 2.19 19.41
CA ILE A 186 6.23 0.98 20.00
C ILE A 186 6.19 -0.18 19.01
N GLY A 187 5.12 -0.31 18.24
CA GLY A 187 4.93 -1.43 17.37
C GLY A 187 5.28 -1.23 15.91
N GLN A 188 5.90 -0.09 15.55
CA GLN A 188 6.29 0.13 14.17
C GLN A 188 7.21 -0.95 13.58
N PRO A 189 8.26 -1.44 14.27
CA PRO A 189 9.09 -2.49 13.65
C PRO A 189 8.31 -3.73 13.28
N THR A 190 7.39 -4.16 14.14
CA THR A 190 6.53 -5.29 13.84
C THR A 190 5.72 -5.03 12.59
N GLU A 191 5.21 -3.80 12.45
CA GLU A 191 4.33 -3.48 11.35
C GLU A 191 5.11 -3.39 10.03
N VAL A 192 6.34 -2.89 10.09
CA VAL A 192 7.21 -2.88 8.92
C VAL A 192 7.50 -4.30 8.46
N VAL A 193 7.91 -5.16 9.39
CA VAL A 193 8.23 -6.54 9.04
C VAL A 193 6.98 -7.24 8.50
N LYS A 194 5.84 -7.02 9.12
CA LYS A 194 4.62 -7.70 8.70
C LYS A 194 4.18 -7.26 7.32
N VAL A 195 4.21 -5.95 7.04
CA VAL A 195 3.81 -5.48 5.72
C VAL A 195 4.75 -6.01 4.65
N ARG A 196 6.05 -6.00 4.92
CA ARG A 196 7.00 -6.49 3.93
C ARG A 196 6.83 -7.98 3.68
N LEU A 197 6.56 -8.76 4.72
CA LEU A 197 6.35 -10.19 4.54
C LEU A 197 5.04 -10.47 3.81
N GLN A 198 3.98 -9.72 4.13
CA GLN A 198 2.70 -9.91 3.45
C GLN A 198 2.80 -9.55 1.98
N ALA A 199 3.54 -8.50 1.65
CA ALA A 199 3.62 -8.01 0.28
C ALA A 199 4.52 -8.83 -0.62
N GLN A 200 5.45 -9.60 -0.05
CA GLN A 200 6.46 -10.24 -0.87
C GLN A 200 5.92 -11.51 -1.51
N SER A 201 6.34 -11.75 -2.75
CA SER A 201 5.85 -12.85 -3.56
C SER A 201 6.95 -13.30 -4.50
N HIS A 202 6.85 -14.54 -4.95
CA HIS A 202 7.76 -15.09 -5.93
C HIS A 202 7.19 -15.04 -7.35
N LEU A 203 6.03 -14.42 -7.53
CA LEU A 203 5.31 -14.49 -8.80
C LEU A 203 5.39 -13.23 -9.64
N HIS A 204 5.74 -12.09 -9.05
CA HIS A 204 5.59 -10.81 -9.75
C HIS A 204 6.93 -10.13 -10.01
N GLY A 205 8.01 -10.89 -10.07
CA GLY A 205 9.28 -10.37 -10.50
C GLY A 205 10.03 -9.53 -9.49
N ILE A 206 9.52 -9.41 -8.26
CA ILE A 206 10.21 -8.72 -7.19
C ILE A 206 10.76 -9.78 -6.25
N LYS A 207 12.07 -9.78 -6.07
CA LYS A 207 12.71 -10.80 -5.26
C LYS A 207 12.33 -10.63 -3.80
N PRO A 208 11.80 -11.67 -3.15
CA PRO A 208 11.58 -11.58 -1.70
C PRO A 208 12.89 -11.33 -0.96
N ARG A 209 12.83 -10.44 0.03
CA ARG A 209 14.00 -10.10 0.80
C ARG A 209 14.20 -11.01 2.00
N TYR A 210 13.11 -11.55 2.54
CA TYR A 210 13.14 -12.20 3.84
C TYR A 210 12.52 -13.59 3.75
N THR A 211 12.97 -14.47 4.64
CA THR A 211 12.39 -15.80 4.73
C THR A 211 11.28 -15.86 5.76
N GLY A 212 11.33 -15.01 6.77
CA GLY A 212 10.34 -15.02 7.82
C GLY A 212 10.48 -13.78 8.67
N THR A 213 9.75 -13.79 9.79
CA THR A 213 9.65 -12.60 10.63
C THR A 213 11.00 -12.24 11.25
N TYR A 214 11.65 -13.19 11.90
CA TYR A 214 12.87 -12.89 12.62
C TYR A 214 14.04 -12.71 11.68
N ASN A 215 14.04 -13.42 10.56
CA ASN A 215 14.97 -13.13 9.48
C ASN A 215 14.80 -11.69 9.00
N ALA A 216 13.55 -11.25 8.84
CA ALA A 216 13.30 -9.89 8.41
C ALA A 216 13.81 -8.88 9.43
N TYR A 217 13.58 -9.12 10.71
CA TYR A 217 14.12 -8.25 11.74
C TYR A 217 15.64 -8.15 11.62
N ARG A 218 16.31 -9.29 11.56
CA ARG A 218 17.76 -9.27 11.58
C ARG A 218 18.31 -8.58 10.34
N ILE A 219 17.73 -8.86 9.17
CA ILE A 219 18.21 -8.26 7.94
C ILE A 219 17.96 -6.77 7.92
N ILE A 220 16.76 -6.34 8.30
CA ILE A 220 16.47 -4.91 8.28
C ILE A 220 17.35 -4.15 9.26
N ALA A 221 17.54 -4.70 10.46
CA ALA A 221 18.39 -4.02 11.43
C ALA A 221 19.84 -3.95 10.95
N THR A 222 20.35 -5.03 10.34
CA THR A 222 21.75 -5.02 9.96
C THR A 222 22.02 -4.21 8.69
N THR A 223 21.09 -4.17 7.75
CA THR A 223 21.34 -3.52 6.47
C THR A 223 20.65 -2.16 6.33
N GLU A 224 19.85 -1.76 7.32
CA GLU A 224 19.17 -0.48 7.25
C GLU A 224 19.22 0.29 8.55
N GLY A 225 19.73 -0.30 9.64
CA GLY A 225 19.75 0.35 10.92
C GLY A 225 18.45 0.17 11.69
N LEU A 226 18.53 0.38 13.00
CA LEU A 226 17.32 0.34 13.82
C LEU A 226 16.31 1.38 13.37
N THR A 227 16.77 2.54 12.92
CA THR A 227 15.87 3.52 12.33
C THR A 227 15.10 2.92 11.15
N GLY A 228 15.72 2.02 10.39
CA GLY A 228 15.02 1.36 9.31
C GLY A 228 13.86 0.51 9.74
N LEU A 229 13.83 0.10 11.00
CA LEU A 229 12.68 -0.61 11.53
C LEU A 229 11.52 0.31 11.85
N TRP A 230 11.74 1.63 11.89
CA TRP A 230 10.68 2.59 12.14
C TRP A 230 10.28 3.34 10.89
N LYS A 231 10.60 2.82 9.72
CA LYS A 231 10.17 3.44 8.48
C LYS A 231 8.64 3.46 8.40
N GLY A 232 8.11 4.60 7.94
CA GLY A 232 6.68 4.74 7.83
C GLY A 232 5.96 5.03 9.12
N THR A 233 6.67 5.51 10.14
CA THR A 233 6.04 5.79 11.42
C THR A 233 5.02 6.91 11.30
N THR A 234 5.33 7.95 10.55
CA THR A 234 4.44 9.10 10.45
C THR A 234 3.19 8.81 9.60
N PRO A 235 3.27 8.06 8.49
CA PRO A 235 2.00 7.63 7.86
C PRO A 235 1.15 6.75 8.74
N ASN A 236 1.78 5.84 9.49
CA ASN A 236 1.05 5.00 10.43
C ASN A 236 0.37 5.84 11.50
N LEU A 237 1.09 6.84 12.00
CA LEU A 237 0.55 7.75 13.00
C LEU A 237 -0.62 8.55 12.47
N MET A 238 -0.48 9.07 11.25
CA MET A 238 -1.55 9.84 10.62
C MET A 238 -2.78 8.96 10.42
N ARG A 239 -2.56 7.72 9.97
CA ARG A 239 -3.67 6.79 9.78
C ARG A 239 -4.35 6.45 11.10
N SER A 240 -3.57 6.27 12.16
CA SER A 240 -4.17 5.96 13.46
C SER A 240 -5.01 7.13 13.96
N VAL A 241 -4.52 8.35 13.78
CA VAL A 241 -5.31 9.53 14.15
C VAL A 241 -6.61 9.58 13.36
N ILE A 242 -6.53 9.35 12.05
CA ILE A 242 -7.73 9.42 11.22
C ILE A 242 -8.73 8.36 11.64
N ILE A 243 -8.28 7.12 11.82
CA ILE A 243 -9.20 6.04 12.20
C ILE A 243 -9.85 6.34 13.53
N ASN A 244 -9.06 6.74 14.53
CA ASN A 244 -9.63 6.99 15.85
C ASN A 244 -10.67 8.10 15.80
N CYS A 245 -10.30 9.25 15.22
CA CYS A 245 -11.20 10.39 15.20
C CYS A 245 -12.45 10.09 14.37
N THR A 246 -12.28 9.46 13.21
CA THR A 246 -13.43 9.19 12.36
C THR A 246 -14.36 8.17 13.00
N GLU A 247 -13.83 7.09 13.59
CA GLU A 247 -14.70 6.17 14.30
C GLU A 247 -15.49 6.87 15.38
N LEU A 248 -14.80 7.63 16.25
CA LEU A 248 -15.50 8.25 17.38
C LEU A 248 -16.55 9.24 16.91
N VAL A 249 -16.17 10.14 16.01
CA VAL A 249 -17.10 11.18 15.57
C VAL A 249 -18.27 10.56 14.80
N THR A 250 -17.98 9.68 13.84
CA THR A 250 -19.05 9.11 13.05
C THR A 250 -19.99 8.28 13.92
N TYR A 251 -19.45 7.51 14.87
CA TYR A 251 -20.30 6.68 15.71
C TYR A 251 -21.21 7.54 16.57
N ASP A 252 -20.66 8.57 17.22
CA ASP A 252 -21.51 9.43 18.05
C ASP A 252 -22.56 10.15 17.23
N LEU A 253 -22.16 10.72 16.09
CA LEU A 253 -23.11 11.43 15.24
C LEU A 253 -24.21 10.50 14.75
N MET A 254 -23.85 9.31 14.28
CA MET A 254 -24.87 8.41 13.75
C MET A 254 -25.80 7.92 14.84
N LYS A 255 -25.28 7.62 16.03
CA LYS A 255 -26.15 7.18 17.11
C LYS A 255 -27.11 8.27 17.54
N GLU A 256 -26.61 9.49 17.73
CA GLU A 256 -27.52 10.55 18.17
C GLU A 256 -28.39 11.08 17.04
N ALA A 257 -28.08 10.74 15.79
CA ALA A 257 -29.01 10.92 14.69
C ALA A 257 -30.12 9.87 14.72
N PHE A 258 -29.76 8.61 14.99
CA PHE A 258 -30.76 7.57 15.20
C PHE A 258 -31.70 7.94 16.34
N VAL A 259 -31.16 8.50 17.42
CA VAL A 259 -31.96 8.74 18.61
C VAL A 259 -32.72 10.06 18.51
N LYS A 260 -32.14 11.09 17.90
CA LYS A 260 -32.84 12.35 17.71
C LYS A 260 -34.09 12.17 16.86
N ASN A 261 -34.17 11.10 16.08
CA ASN A 261 -35.40 10.72 15.41
C ASN A 261 -36.11 9.55 16.08
N ASN A 262 -35.38 8.72 16.80
CA ASN A 262 -35.86 7.39 17.22
C ASN A 262 -36.22 6.57 15.98
N ILE A 263 -35.19 6.31 15.17
CA ILE A 263 -35.32 5.45 14.00
C ILE A 263 -35.17 3.98 14.37
N LEU A 264 -34.33 3.66 15.35
CA LEU A 264 -34.08 2.28 15.68
C LEU A 264 -33.89 2.17 17.19
N ALA A 265 -34.06 0.95 17.71
CA ALA A 265 -34.02 0.74 19.16
C ALA A 265 -32.59 0.84 19.69
N ASP A 266 -32.43 1.63 20.78
CA ASP A 266 -31.16 1.97 21.44
C ASP A 266 -30.54 0.79 22.18
N ASP A 267 -31.03 -0.41 21.92
CA ASP A 267 -30.40 -1.64 22.41
C ASP A 267 -29.15 -1.87 21.58
N VAL A 268 -28.63 -3.10 21.57
CA VAL A 268 -27.44 -3.39 20.77
C VAL A 268 -27.60 -3.02 19.30
N PRO A 269 -28.75 -3.26 18.63
CA PRO A 269 -28.75 -3.05 17.16
C PRO A 269 -28.39 -1.64 16.70
N CYS A 270 -28.79 -0.58 17.40
CA CYS A 270 -28.31 0.75 17.04
C CYS A 270 -26.80 0.83 17.15
N HIS A 271 -26.24 0.27 18.22
CA HIS A 271 -24.80 0.32 18.41
C HIS A 271 -24.08 -0.45 17.31
N LEU A 272 -24.62 -1.60 16.93
CA LEU A 272 -24.03 -2.38 15.83
C LEU A 272 -24.08 -1.60 14.52
N VAL A 273 -25.23 -1.01 14.20
CA VAL A 273 -25.36 -0.27 12.94
C VAL A 273 -24.41 0.92 12.93
N SER A 274 -24.36 1.67 14.03
CA SER A 274 -23.52 2.86 14.08
C SER A 274 -22.05 2.50 14.05
N ALA A 275 -21.66 1.43 14.74
CA ALA A 275 -20.27 1.01 14.70
C ALA A 275 -19.89 0.48 13.34
N LEU A 276 -20.82 -0.17 12.65
CA LEU A 276 -20.59 -0.61 11.27
C LEU A 276 -20.34 0.58 10.36
N ILE A 277 -21.23 1.58 10.41
CA ILE A 277 -21.11 2.74 9.54
C ILE A 277 -19.86 3.55 9.89
N ALA A 278 -19.58 3.73 11.19
CA ALA A 278 -18.40 4.47 11.61
C ALA A 278 -17.13 3.75 11.22
N GLY A 279 -17.10 2.42 11.32
CA GLY A 279 -15.93 1.68 10.90
C GLY A 279 -15.69 1.79 9.40
N PHE A 280 -16.76 1.73 8.61
CA PHE A 280 -16.59 1.93 7.18
C PHE A 280 -16.11 3.34 6.87
N CYS A 281 -16.66 4.33 7.57
CA CYS A 281 -16.26 5.71 7.35
C CYS A 281 -14.79 5.91 7.70
N ALA A 282 -14.35 5.33 8.82
CA ALA A 282 -12.95 5.42 9.20
C ALA A 282 -12.04 4.73 8.19
N THR A 283 -12.46 3.55 7.71
CA THR A 283 -11.68 2.85 6.71
C THR A 283 -11.55 3.68 5.43
N ALA A 284 -12.64 4.29 4.99
CA ALA A 284 -12.59 5.09 3.76
C ALA A 284 -11.76 6.35 3.96
N MET A 285 -11.86 7.00 5.13
CA MET A 285 -11.10 8.20 5.37
C MET A 285 -9.61 7.91 5.48
N SER A 286 -9.23 6.80 6.08
CA SER A 286 -7.83 6.47 6.26
C SER A 286 -7.27 5.62 5.12
N SER A 287 -8.09 5.22 4.16
CA SER A 287 -7.61 4.40 3.05
C SER A 287 -6.50 5.04 2.23
N PRO A 288 -6.56 6.32 1.83
CA PRO A 288 -5.42 6.87 1.08
C PRO A 288 -4.13 6.84 1.86
N VAL A 289 -4.17 7.25 3.13
CA VAL A 289 -3.01 7.16 4.00
C VAL A 289 -2.56 5.72 4.15
N ASP A 290 -3.49 4.79 4.23
CA ASP A 290 -3.14 3.38 4.40
C ASP A 290 -2.43 2.82 3.18
N VAL A 291 -2.93 3.14 1.98
CA VAL A 291 -2.27 2.67 0.76
C VAL A 291 -0.88 3.27 0.64
N VAL A 292 -0.76 4.57 0.89
CA VAL A 292 0.55 5.22 0.81
C VAL A 292 1.49 4.67 1.86
N LYS A 293 0.98 4.39 3.06
CA LYS A 293 1.79 3.85 4.13
C LYS A 293 2.29 2.46 3.78
N THR A 294 1.40 1.60 3.26
CA THR A 294 1.81 0.26 2.88
C THR A 294 2.86 0.29 1.78
N ARG A 295 2.66 1.12 0.76
CA ARG A 295 3.61 1.18 -0.33
C ARG A 295 4.95 1.76 0.11
N PHE A 296 4.92 2.78 0.98
CA PHE A 296 6.16 3.38 1.45
C PHE A 296 6.92 2.43 2.36
N ILE A 297 6.23 1.76 3.28
CA ILE A 297 6.90 0.84 4.19
C ILE A 297 7.47 -0.35 3.43
N ASN A 298 6.69 -0.91 2.51
CA ASN A 298 7.15 -2.04 1.73
C ASN A 298 8.33 -1.68 0.84
N SER A 299 8.51 -0.41 0.52
CA SER A 299 9.50 -0.01 -0.47
C SER A 299 10.91 -0.14 0.08
N PRO A 300 11.87 -0.59 -0.73
CA PRO A 300 13.27 -0.62 -0.31
C PRO A 300 13.84 0.78 -0.23
N PRO A 301 14.93 0.98 0.52
CA PRO A 301 15.49 2.32 0.65
C PRO A 301 15.87 2.91 -0.69
N GLY A 302 15.52 4.17 -0.90
CA GLY A 302 15.87 4.90 -2.08
C GLY A 302 14.78 5.00 -3.13
N GLN A 303 13.77 4.11 -3.07
CA GLN A 303 12.72 4.16 -4.08
C GLN A 303 11.85 5.40 -3.94
N TYR A 304 11.50 5.76 -2.72
CA TYR A 304 10.69 6.94 -2.45
C TYR A 304 11.49 7.92 -1.62
N LYS A 305 11.62 9.15 -2.11
CA LYS A 305 12.35 10.19 -1.40
C LYS A 305 11.69 10.54 -0.08
N SER A 306 10.36 10.46 -0.04
CA SER A 306 9.59 10.76 1.16
C SER A 306 8.24 10.08 1.03
N VAL A 307 7.39 10.28 2.01
CA VAL A 307 6.03 9.73 1.99
C VAL A 307 5.14 10.53 1.04
N PRO A 308 5.16 11.88 1.08
CA PRO A 308 4.39 12.61 0.06
C PRO A 308 4.86 12.34 -1.36
N ASN A 309 6.15 12.02 -1.54
CA ASN A 309 6.65 11.61 -2.83
C ASN A 309 5.96 10.33 -3.31
N CYS A 310 5.83 9.35 -2.41
CA CYS A 310 5.12 8.12 -2.73
C CYS A 310 3.65 8.38 -3.05
N ALA A 311 3.00 9.23 -2.25
CA ALA A 311 1.60 9.57 -2.51
C ALA A 311 1.45 10.26 -3.86
N MET A 312 2.37 11.14 -4.20
CA MET A 312 2.29 11.88 -5.45
C MET A 312 2.49 10.95 -6.64
N LYS A 313 3.42 9.99 -6.52
CA LYS A 313 3.60 9.02 -7.59
C LYS A 313 2.37 8.13 -7.74
N VAL A 314 1.75 7.72 -6.64
CA VAL A 314 0.52 6.96 -6.72
C VAL A 314 -0.55 7.76 -7.45
N PHE A 315 -0.70 9.03 -7.10
CA PHE A 315 -1.70 9.87 -7.73
C PHE A 315 -1.45 10.06 -9.23
N THR A 316 -0.20 10.32 -9.61
CA THR A 316 0.08 10.63 -11.01
C THR A 316 0.06 9.40 -11.90
N ASN A 317 0.40 8.22 -11.36
CA ASN A 317 0.50 7.05 -12.21
C ASN A 317 -0.69 6.10 -12.07
N GLU A 318 -1.51 6.27 -11.05
CA GLU A 318 -2.66 5.41 -10.86
C GLU A 318 -3.94 6.13 -10.50
N GLY A 319 -3.89 7.39 -10.08
CA GLY A 319 -5.06 8.18 -9.83
C GLY A 319 -5.67 8.01 -8.46
N PRO A 320 -6.84 8.63 -8.26
CA PRO A 320 -7.43 8.67 -6.92
C PRO A 320 -8.00 7.35 -6.43
N THR A 321 -8.57 6.53 -7.31
CA THR A 321 -9.11 5.24 -6.88
C THR A 321 -8.02 4.34 -6.34
N ALA A 322 -6.78 4.52 -6.76
CA ALA A 322 -5.68 3.74 -6.24
C ALA A 322 -5.43 4.02 -4.77
N PHE A 323 -5.97 5.12 -4.24
CA PHE A 323 -5.90 5.40 -2.82
C PHE A 323 -6.95 4.63 -2.02
N PHE A 324 -7.77 3.81 -2.69
CA PHE A 324 -8.75 2.99 -2.02
C PHE A 324 -8.59 1.51 -2.37
N LYS A 325 -7.39 1.10 -2.76
CA LYS A 325 -7.12 -0.31 -2.97
C LYS A 325 -7.19 -1.06 -1.63
N GLY A 326 -7.72 -2.26 -1.67
CA GLY A 326 -7.87 -3.03 -0.46
C GLY A 326 -8.87 -2.46 0.53
N LEU A 327 -9.79 -1.63 0.06
CA LEU A 327 -10.74 -0.99 0.96
C LEU A 327 -11.71 -2.01 1.56
N VAL A 328 -12.25 -2.90 0.74
CA VAL A 328 -13.16 -3.92 1.26
C VAL A 328 -12.45 -4.88 2.21
N PRO A 329 -11.28 -5.45 1.87
CA PRO A 329 -10.56 -6.25 2.87
C PRO A 329 -10.22 -5.46 4.12
N SER A 330 -9.89 -4.18 3.98
CA SER A 330 -9.56 -3.36 5.14
C SER A 330 -10.77 -3.22 6.06
N PHE A 331 -11.93 -2.91 5.49
CA PHE A 331 -13.13 -2.73 6.29
C PHE A 331 -13.58 -4.04 6.93
N LEU A 332 -13.50 -5.14 6.19
CA LEU A 332 -13.86 -6.43 6.76
C LEU A 332 -12.89 -6.82 7.88
N ARG A 333 -11.59 -6.57 7.66
CA ARG A 333 -10.59 -6.83 8.69
C ARG A 333 -10.90 -6.03 9.95
N LEU A 334 -11.17 -4.73 9.79
CA LEU A 334 -11.47 -3.87 10.93
C LEU A 334 -12.70 -4.36 11.68
N GLY A 335 -13.80 -4.56 10.98
CA GLY A 335 -15.04 -4.93 11.65
C GLY A 335 -14.94 -6.30 12.33
N SER A 336 -14.43 -7.29 11.60
CA SER A 336 -14.34 -8.63 12.16
C SER A 336 -13.34 -8.70 13.30
N TRP A 337 -12.20 -8.01 13.18
CA TRP A 337 -11.24 -7.98 14.27
C TRP A 337 -11.84 -7.34 15.51
N ASN A 338 -12.55 -6.22 15.34
CA ASN A 338 -13.14 -5.56 16.49
C ASN A 338 -14.20 -6.42 17.14
N VAL A 339 -15.02 -7.11 16.35
CA VAL A 339 -16.06 -7.97 16.90
C VAL A 339 -15.42 -9.13 17.66
N ILE A 340 -14.47 -9.82 17.04
CA ILE A 340 -13.84 -10.97 17.67
C ILE A 340 -13.13 -10.56 18.94
N MET A 341 -12.37 -9.47 18.90
CA MET A 341 -11.67 -9.04 20.09
C MET A 341 -12.63 -8.62 21.18
N PHE A 342 -13.71 -7.92 20.84
CA PHE A 342 -14.67 -7.53 21.87
C PHE A 342 -15.25 -8.76 22.55
N VAL A 343 -15.76 -9.72 21.78
CA VAL A 343 -16.40 -10.87 22.39
C VAL A 343 -15.39 -11.68 23.20
N CYS A 344 -14.22 -11.94 22.62
CA CYS A 344 -13.22 -12.74 23.31
C CYS A 344 -12.68 -12.03 24.55
N PHE A 345 -12.46 -10.71 24.46
CA PHE A 345 -11.96 -9.95 25.59
C PHE A 345 -12.95 -9.94 26.73
N GLU A 346 -14.24 -9.74 26.43
CA GLU A 346 -15.25 -9.79 27.48
C GLU A 346 -15.32 -11.18 28.11
N GLN A 347 -15.30 -12.22 27.30
CA GLN A 347 -15.37 -13.58 27.83
C GLN A 347 -14.17 -13.90 28.71
N LEU A 348 -12.97 -13.52 28.27
CA LEU A 348 -11.77 -13.80 29.04
C LEU A 348 -11.76 -13.00 30.34
N LYS A 349 -12.14 -11.72 30.29
CA LYS A 349 -12.26 -10.94 31.51
C LYS A 349 -13.19 -11.62 32.51
N ARG A 350 -14.38 -12.01 32.06
CA ARG A 350 -15.33 -12.63 32.98
C ARG A 350 -14.80 -13.96 33.52
N GLU A 351 -14.17 -14.76 32.66
CA GLU A 351 -13.69 -16.07 33.11
C GLU A 351 -12.57 -15.92 34.14
N LEU A 352 -11.56 -15.12 33.83
CA LEU A 352 -10.46 -14.93 34.78
C LEU A 352 -10.91 -14.17 36.03
N SER A 353 -11.99 -13.38 35.93
CA SER A 353 -12.58 -12.77 37.11
C SER A 353 -13.35 -13.77 37.96
N LYS A 354 -13.87 -14.83 37.35
CA LYS A 354 -14.67 -15.81 38.10
C LYS A 354 -14.36 -17.24 37.69
N SER A 355 -13.10 -17.60 37.56
CA SER A 355 -12.74 -18.98 37.22
C SER A 355 -12.79 -19.89 38.44
N GLN B 3 1.43 21.99 -20.35
CA GLN B 3 1.52 21.66 -21.77
C GLN B 3 2.64 20.65 -22.02
N VAL B 4 2.28 19.38 -21.93
CA VAL B 4 3.24 18.30 -22.06
C VAL B 4 3.79 18.27 -23.48
N GLN B 5 5.11 18.15 -23.60
CA GLN B 5 5.76 17.99 -24.90
C GLN B 5 6.82 16.91 -24.77
N LEU B 6 6.70 15.87 -25.60
CA LEU B 6 7.69 14.81 -25.68
C LEU B 6 8.33 14.83 -27.05
N VAL B 7 9.66 14.93 -27.10
CA VAL B 7 10.39 15.06 -28.35
C VAL B 7 11.38 13.90 -28.45
N GLU B 8 11.16 13.01 -29.40
CA GLU B 8 12.04 11.87 -29.62
C GLU B 8 13.12 12.23 -30.64
N SER B 9 14.30 11.69 -30.41
CA SER B 9 15.42 11.88 -31.33
C SER B 9 16.27 10.63 -31.27
N GLY B 10 17.24 10.55 -32.17
CA GLY B 10 18.20 9.48 -32.17
C GLY B 10 17.92 8.36 -33.13
N GLY B 11 16.74 8.34 -33.74
CA GLY B 11 16.44 7.32 -34.72
C GLY B 11 17.19 7.54 -36.01
N GLY B 12 17.32 6.47 -36.78
CA GLY B 12 18.02 6.54 -38.03
C GLY B 12 17.95 5.22 -38.76
N LEU B 13 18.85 5.06 -39.72
CA LEU B 13 18.92 3.87 -40.54
C LEU B 13 20.19 3.11 -40.18
N VAL B 14 20.06 1.85 -39.79
CA VAL B 14 21.15 1.03 -39.28
C VAL B 14 21.04 -0.38 -39.87
N GLN B 15 22.18 -1.02 -40.04
CA GLN B 15 22.23 -2.42 -40.45
C GLN B 15 21.73 -3.33 -39.34
N ALA B 16 21.29 -4.52 -39.73
CA ALA B 16 20.83 -5.51 -38.78
C ALA B 16 21.97 -5.91 -37.85
N GLY B 17 21.65 -6.08 -36.57
CA GLY B 17 22.65 -6.33 -35.56
C GLY B 17 23.28 -5.08 -35.00
N GLY B 18 22.91 -3.90 -35.48
CA GLY B 18 23.48 -2.67 -35.00
C GLY B 18 22.78 -2.11 -33.78
N SER B 19 23.26 -0.96 -33.34
CA SER B 19 22.80 -0.33 -32.12
C SER B 19 22.30 1.08 -32.42
N LEU B 20 21.40 1.56 -31.56
CA LEU B 20 20.84 2.89 -31.72
C LEU B 20 20.35 3.34 -30.35
N ARG B 21 20.60 4.60 -30.00
CA ARG B 21 20.13 5.15 -28.73
C ARG B 21 19.11 6.24 -29.01
N LEU B 22 17.86 6.00 -28.64
CA LEU B 22 16.78 6.96 -28.77
C LEU B 22 16.65 7.78 -27.49
N SER B 23 16.37 9.06 -27.67
CA SER B 23 16.16 9.99 -26.57
C SER B 23 14.76 10.56 -26.62
N CYS B 24 14.21 10.82 -25.45
CA CYS B 24 12.95 11.53 -25.26
C CYS B 24 13.23 12.70 -24.35
N ALA B 25 13.18 13.91 -24.91
CA ALA B 25 13.19 15.13 -24.12
C ALA B 25 11.75 15.40 -23.69
N ALA B 26 11.52 15.46 -22.38
CA ALA B 26 10.21 15.72 -21.84
C ALA B 26 10.15 17.13 -21.28
N SER B 27 9.02 17.80 -21.50
CA SER B 27 8.88 19.19 -21.10
C SER B 27 7.45 19.45 -20.69
N GLY B 28 7.27 20.43 -19.82
CA GLY B 28 5.95 20.86 -19.40
C GLY B 28 5.30 20.02 -18.33
N PHE B 29 6.03 19.14 -17.66
CA PHE B 29 5.47 18.40 -16.54
C PHE B 29 6.61 17.92 -15.65
N PRO B 30 6.32 17.62 -14.37
CA PRO B 30 7.36 17.09 -13.48
C PRO B 30 7.69 15.62 -13.72
N VAL B 31 8.66 15.36 -14.59
CA VAL B 31 8.97 14.00 -15.03
C VAL B 31 9.33 13.07 -13.88
N MET B 32 9.74 13.62 -12.74
CA MET B 32 10.16 12.81 -11.61
C MET B 32 9.03 12.02 -10.97
N TYR B 33 7.78 12.31 -11.30
CA TYR B 33 6.64 11.60 -10.73
C TYR B 33 5.98 10.65 -11.71
N TYR B 34 6.43 10.59 -12.95
CA TYR B 34 5.72 9.90 -14.00
C TYR B 34 6.51 8.71 -14.51
N ASN B 35 5.85 7.57 -14.61
CA ASN B 35 6.40 6.46 -15.37
C ASN B 35 6.40 6.81 -16.85
N MET B 36 7.47 6.44 -17.54
CA MET B 36 7.60 6.72 -18.96
C MET B 36 7.56 5.43 -19.76
N HIS B 37 7.09 5.52 -21.00
CA HIS B 37 6.93 4.35 -21.84
C HIS B 37 7.49 4.61 -23.22
N TRP B 38 7.95 3.54 -23.85
CA TRP B 38 8.31 3.52 -25.25
C TRP B 38 7.37 2.57 -25.96
N TYR B 39 6.76 3.05 -27.02
CA TYR B 39 5.92 2.29 -27.93
C TYR B 39 6.57 2.32 -29.30
N ARG B 40 6.07 1.48 -30.20
CA ARG B 40 6.51 1.55 -31.58
C ARG B 40 5.35 1.16 -32.48
N GLN B 41 5.32 1.76 -33.66
CA GLN B 41 4.31 1.43 -34.65
C GLN B 41 4.96 1.34 -36.02
N ALA B 42 4.80 0.27 -36.65
CA ALA B 42 5.16 0.12 -38.04
C ALA B 42 3.89 0.12 -38.89
N PRO B 43 3.97 0.57 -40.14
CA PRO B 43 2.80 0.56 -41.01
C PRO B 43 2.26 -0.85 -41.20
N GLY B 44 0.93 -0.97 -41.20
CA GLY B 44 0.31 -2.27 -41.28
C GLY B 44 0.31 -3.05 -39.99
N LYS B 45 0.76 -2.43 -38.90
CA LYS B 45 0.72 -3.05 -37.59
C LYS B 45 0.21 -2.02 -36.58
N GLU B 46 -0.33 -2.53 -35.48
CA GLU B 46 -0.79 -1.66 -34.41
C GLU B 46 0.38 -1.14 -33.60
N ARG B 47 0.13 -0.11 -32.81
CA ARG B 47 1.18 0.46 -31.98
C ARG B 47 1.48 -0.50 -30.83
N GLU B 48 2.74 -0.88 -30.70
CA GLU B 48 3.19 -1.91 -29.79
C GLU B 48 3.92 -1.27 -28.63
N TRP B 49 3.53 -1.64 -27.41
CA TRP B 49 4.28 -1.20 -26.24
C TRP B 49 5.62 -1.90 -26.20
N VAL B 50 6.68 -1.13 -26.00
CA VAL B 50 8.04 -1.65 -26.01
C VAL B 50 8.61 -1.74 -24.60
N ALA B 51 8.60 -0.64 -23.87
CA ALA B 51 9.26 -0.62 -22.58
C ALA B 51 8.60 0.39 -21.65
N ALA B 52 8.80 0.20 -20.36
CA ALA B 52 8.31 1.11 -19.34
C ALA B 52 9.37 1.26 -18.27
N ILE B 53 9.50 2.48 -17.76
CA ILE B 53 10.42 2.77 -16.67
C ILE B 53 9.69 3.55 -15.59
N GLU B 54 10.03 3.24 -14.35
CA GLU B 54 9.46 3.88 -13.17
C GLU B 54 9.87 5.34 -13.09
N SER B 55 9.16 6.08 -12.23
CA SER B 55 9.36 7.52 -12.08
C SER B 55 10.82 7.89 -11.85
N THR B 56 11.53 7.10 -11.05
CA THR B 56 12.94 7.36 -10.77
C THR B 56 13.84 6.23 -11.24
N GLY B 57 13.32 5.33 -12.06
CA GLY B 57 14.12 4.22 -12.56
C GLY B 57 14.21 3.03 -11.67
N TRP B 58 13.29 2.89 -10.71
CA TRP B 58 13.36 1.77 -9.78
C TRP B 58 13.14 0.43 -10.47
N TRP B 59 12.15 0.36 -11.34
CA TRP B 59 11.91 -0.83 -12.14
C TRP B 59 11.88 -0.44 -13.60
N ALA B 60 12.07 -1.44 -14.45
CA ALA B 60 12.01 -1.28 -15.89
C ALA B 60 11.51 -2.58 -16.48
N HIS B 61 10.44 -2.52 -17.26
CA HIS B 61 9.89 -3.71 -17.87
C HIS B 61 9.84 -3.56 -19.38
N TYR B 62 9.87 -4.69 -20.07
CA TYR B 62 10.03 -4.74 -21.50
C TYR B 62 9.01 -5.70 -22.10
N ALA B 63 8.70 -5.47 -23.37
CA ALA B 63 8.02 -6.47 -24.15
C ALA B 63 8.95 -7.66 -24.36
N ASP B 64 8.37 -8.84 -24.51
CA ASP B 64 9.19 -10.04 -24.64
C ASP B 64 10.03 -10.03 -25.91
N SER B 65 9.58 -9.32 -26.94
CA SER B 65 10.30 -9.29 -28.20
C SER B 65 11.56 -8.43 -28.14
N VAL B 66 11.70 -7.57 -27.13
CA VAL B 66 12.82 -6.65 -27.04
C VAL B 66 13.66 -6.86 -25.79
N LYS B 67 13.27 -7.77 -24.90
CA LYS B 67 14.00 -7.94 -23.66
C LYS B 67 15.40 -8.49 -23.92
N GLY B 68 16.39 -7.91 -23.25
CA GLY B 68 17.77 -8.23 -23.46
C GLY B 68 18.41 -7.44 -24.57
N ARG B 69 17.65 -7.07 -25.60
CA ARG B 69 18.14 -6.25 -26.68
C ARG B 69 17.94 -4.77 -26.42
N PHE B 70 16.79 -4.40 -25.88
CA PHE B 70 16.47 -3.01 -25.58
C PHE B 70 16.56 -2.79 -24.07
N THR B 71 17.09 -1.64 -23.69
CA THR B 71 17.07 -1.18 -22.31
C THR B 71 16.48 0.22 -22.26
N ILE B 72 15.79 0.52 -21.17
CA ILE B 72 15.18 1.83 -20.95
C ILE B 72 15.87 2.47 -19.76
N SER B 73 16.06 3.79 -19.84
CA SER B 73 16.88 4.51 -18.88
C SER B 73 16.30 5.90 -18.69
N ARG B 74 16.67 6.55 -17.59
CA ARG B 74 16.23 7.91 -17.31
C ARG B 74 17.40 8.77 -16.87
N ASP B 75 17.25 10.06 -17.12
CA ASP B 75 17.94 11.10 -16.36
C ASP B 75 16.89 12.18 -16.11
N ASN B 76 16.28 12.14 -14.92
CA ASN B 76 15.28 13.12 -14.55
C ASN B 76 15.87 14.51 -14.40
N ALA B 77 17.18 14.62 -14.21
CA ALA B 77 17.82 15.93 -14.18
C ALA B 77 17.74 16.61 -15.53
N LYS B 78 17.94 15.86 -16.62
CA LYS B 78 17.79 16.40 -17.96
C LYS B 78 16.41 16.21 -18.53
N ASN B 79 15.48 15.64 -17.76
CA ASN B 79 14.13 15.32 -18.23
C ASN B 79 14.18 14.43 -19.47
N THR B 80 15.06 13.43 -19.45
CA THR B 80 15.28 12.62 -20.64
C THR B 80 15.05 11.15 -20.32
N VAL B 81 14.42 10.46 -21.26
CA VAL B 81 14.26 9.01 -21.20
C VAL B 81 14.99 8.41 -22.40
N TYR B 82 15.67 7.29 -22.18
CA TYR B 82 16.52 6.69 -23.19
C TYR B 82 16.06 5.29 -23.51
N LEU B 83 16.13 4.92 -24.78
CA LEU B 83 15.94 3.57 -25.25
C LEU B 83 17.21 3.15 -25.99
N GLN B 84 18.02 2.31 -25.36
CA GLN B 84 19.18 1.72 -26.03
C GLN B 84 18.72 0.44 -26.72
N MET B 85 18.95 0.36 -28.02
CA MET B 85 18.48 -0.74 -28.85
C MET B 85 19.69 -1.43 -29.46
N ASN B 86 19.90 -2.69 -29.08
CA ASN B 86 21.02 -3.49 -29.54
C ASN B 86 20.52 -4.65 -30.36
N SER B 87 21.44 -5.25 -31.12
CA SER B 87 21.15 -6.35 -32.03
C SER B 87 19.85 -6.11 -32.79
N LEU B 88 19.80 -4.97 -33.46
CA LEU B 88 18.61 -4.57 -34.18
C LEU B 88 18.38 -5.48 -35.38
N LYS B 89 17.13 -5.85 -35.57
CA LYS B 89 16.70 -6.72 -36.66
C LYS B 89 15.72 -5.95 -37.53
N PRO B 90 15.58 -6.33 -38.80
CA PRO B 90 14.67 -5.57 -39.69
C PRO B 90 13.26 -5.45 -39.15
N GLU B 91 12.84 -6.39 -38.30
CA GLU B 91 11.54 -6.36 -37.65
C GLU B 91 11.42 -5.22 -36.64
N ASP B 92 12.52 -4.56 -36.30
CA ASP B 92 12.51 -3.43 -35.39
C ASP B 92 12.26 -2.11 -36.11
N THR B 93 12.13 -2.13 -37.43
CA THR B 93 11.82 -0.94 -38.19
C THR B 93 10.42 -0.46 -37.84
N ALA B 94 10.33 0.74 -37.27
CA ALA B 94 9.07 1.32 -36.85
C ALA B 94 9.33 2.76 -36.45
N VAL B 95 8.27 3.51 -36.26
CA VAL B 95 8.35 4.79 -35.60
C VAL B 95 8.22 4.54 -34.11
N TYR B 96 9.18 5.03 -33.33
CA TYR B 96 9.23 4.79 -31.91
C TYR B 96 8.74 6.04 -31.18
N TYR B 97 7.84 5.83 -30.22
CA TYR B 97 7.10 6.89 -29.57
C TYR B 97 7.38 6.88 -28.08
N CYS B 98 7.76 8.04 -27.55
CA CYS B 98 7.78 8.27 -26.12
C CYS B 98 6.37 8.54 -25.64
N ASN B 99 6.05 8.03 -24.45
CA ASN B 99 4.69 8.09 -23.94
C ASN B 99 4.66 8.41 -22.46
N VAL B 100 3.74 9.30 -22.08
CA VAL B 100 3.44 9.60 -20.68
C VAL B 100 1.95 9.36 -20.46
N LYS B 101 1.61 8.50 -19.52
CA LYS B 101 0.22 8.31 -19.11
C LYS B 101 0.00 9.14 -17.86
N ASP B 102 -0.65 10.29 -18.01
CA ASP B 102 -0.97 11.16 -16.89
C ASP B 102 -2.33 10.72 -16.35
N PHE B 103 -2.36 10.22 -15.12
CA PHE B 103 -3.62 9.65 -14.65
C PHE B 103 -4.34 10.76 -13.91
N GLY B 104 -3.77 11.20 -12.78
CA GLY B 104 -4.22 12.39 -12.06
C GLY B 104 -5.68 12.34 -11.63
N TRP B 105 -6.37 13.45 -11.86
CA TRP B 105 -7.80 13.56 -11.54
C TRP B 105 -8.65 13.13 -12.73
N ARG B 106 -8.48 11.88 -13.15
CA ARG B 106 -9.20 11.37 -14.31
C ARG B 106 -9.75 9.99 -14.00
N TRP B 107 -10.70 9.56 -14.83
CA TRP B 107 -11.21 8.19 -14.74
C TRP B 107 -10.17 7.18 -15.19
N GLU B 108 -9.54 7.42 -16.34
CA GLU B 108 -8.44 6.60 -16.80
C GLU B 108 -7.31 7.52 -17.25
N ALA B 109 -6.13 6.93 -17.42
CA ALA B 109 -4.96 7.71 -17.78
C ALA B 109 -5.11 8.34 -19.15
N TYR B 110 -4.59 9.56 -19.27
CA TYR B 110 -4.53 10.26 -20.55
C TYR B 110 -3.16 10.02 -21.16
N ASP B 111 -3.14 9.62 -22.43
CA ASP B 111 -1.89 9.34 -23.13
C ASP B 111 -1.37 10.59 -23.80
N TYR B 112 -0.12 10.91 -23.52
CA TYR B 112 0.63 11.94 -24.23
C TYR B 112 1.73 11.24 -25.03
N TRP B 113 1.87 11.66 -26.29
CA TRP B 113 2.78 11.03 -27.22
C TRP B 113 3.76 12.06 -27.74
N GLY B 114 4.94 11.58 -28.11
CA GLY B 114 5.82 12.36 -28.94
C GLY B 114 5.45 12.27 -30.39
N GLN B 115 6.22 12.95 -31.23
CA GLN B 115 6.02 12.85 -32.66
C GLN B 115 6.59 11.55 -33.23
N GLY B 116 7.40 10.83 -32.46
CA GLY B 116 8.01 9.60 -32.92
C GLY B 116 9.28 9.82 -33.69
N THR B 117 10.25 8.92 -33.54
CA THR B 117 11.46 8.93 -34.34
C THR B 117 11.51 7.63 -35.12
N GLN B 118 11.75 7.72 -36.42
CA GLN B 118 11.75 6.55 -37.28
C GLN B 118 13.07 5.79 -37.13
N VAL B 119 12.96 4.48 -36.96
CA VAL B 119 14.10 3.58 -36.87
C VAL B 119 13.95 2.56 -37.98
N THR B 120 14.89 2.56 -38.91
CA THR B 120 14.90 1.62 -40.02
C THR B 120 16.12 0.73 -39.89
N VAL B 121 15.89 -0.58 -39.91
CA VAL B 121 16.96 -1.56 -39.84
C VAL B 121 17.09 -2.22 -41.21
N SER B 122 18.23 -2.04 -41.85
CA SER B 122 18.47 -2.63 -43.15
C SER B 122 18.99 -4.06 -43.04
N SER B 123 18.82 -4.79 -44.13
CA SER B 123 19.22 -6.18 -44.24
C SER B 123 20.08 -6.39 -45.47
N LEU B 124 21.02 -5.48 -45.72
CA LEU B 124 21.87 -5.54 -46.90
C LEU B 124 23.16 -6.29 -46.60
N GLU B 125 23.63 -7.04 -47.59
CA GLU B 125 24.80 -7.90 -47.45
C GLU B 125 26.02 -7.25 -48.09
N HIS B 126 27.18 -7.44 -47.46
CA HIS B 126 28.45 -6.89 -47.97
C HIS B 126 29.53 -7.95 -48.08
#